data_4RI3
#
_entry.id   4RI3
#
_cell.length_a   71.704
_cell.length_b   77.697
_cell.length_c   93.159
_cell.angle_alpha   90.00
_cell.angle_beta   90.00
_cell.angle_gamma   90.00
#
_symmetry.space_group_name_H-M   'P 21 21 21'
#
loop_
_entity.id
_entity.type
_entity.pdbx_description
1 polymer 'Photosystem II 22 kDa protein, chloroplastic'
2 non-polymer DICYCLOHEXYLUREA
3 non-polymer 'nonyl beta-D-glucopyranoside'
4 non-polymer 'MERCURY (II) ION'
5 water water
#
_entity_poly.entity_id   1
_entity_poly.type   'polypeptide(L)'
_entity_poly.pdbx_seq_one_letter_code
;LFKSKAKAPKKVEKPKLKVEDGLFGTSGGIGFTKENELFVGRVAMIGFAASLLGEGITGKGILSQLNLETGIPIYEAEPL
LLFFILFTLLGAIGALGDRGRFVDEPTTGLEKAVIPPGKDVRSALGLKTKGPLFGFTKSNELFVGRLAQLGFAFSLIGEI
ITGKGALAQLNIETGVPINEIEPLVLLNVVFFFIAAINPGTGKFITDDEEED
;
_entity_poly.pdbx_strand_id   A,B
#
loop_
_chem_comp.id
_chem_comp.type
_chem_comp.name
_chem_comp.formula
BNG D-saccharide 'nonyl beta-D-glucopyranoside' 'C15 H30 O6'
DCW non-polymer DICYCLOHEXYLUREA 'C13 H24 N2 O'
HG non-polymer 'MERCURY (II) ION' 'Hg 2'
#
# COMPACT_ATOMS: atom_id res chain seq x y z
N ALA A 6 3.01 15.98 51.00
CA ALA A 6 4.27 16.62 50.67
C ALA A 6 5.18 15.69 49.87
N LYS A 7 5.43 14.49 50.41
CA LYS A 7 6.20 13.48 49.68
C LYS A 7 5.26 12.44 49.07
N ALA A 8 5.33 12.29 47.75
CA ALA A 8 4.42 11.42 47.03
C ALA A 8 4.62 9.96 47.37
N PRO A 9 3.51 9.23 47.59
CA PRO A 9 3.56 7.78 47.78
C PRO A 9 4.23 7.13 46.57
N LYS A 10 5.15 6.21 46.80
CA LYS A 10 5.83 5.52 45.71
C LYS A 10 4.87 4.60 44.98
N LYS A 11 4.75 4.80 43.67
CA LYS A 11 3.86 3.97 42.86
C LYS A 11 4.63 2.76 42.32
N VAL A 12 3.99 1.60 42.34
CA VAL A 12 4.64 0.36 41.92
C VAL A 12 4.64 0.20 40.40
N GLU A 13 5.80 -0.17 39.85
CA GLU A 13 5.93 -0.34 38.40
C GLU A 13 5.14 -1.53 37.87
N LYS A 14 3.97 -1.26 37.31
CA LYS A 14 3.18 -2.27 36.63
C LYS A 14 3.89 -2.59 35.32
N PRO A 15 3.76 -3.84 34.83
CA PRO A 15 4.33 -4.27 33.55
C PRO A 15 4.12 -3.24 32.43
N LYS A 16 5.20 -2.92 31.73
CA LYS A 16 5.16 -1.90 30.69
C LYS A 16 4.78 -2.48 29.33
N LEU A 17 4.16 -1.65 28.49
CA LEU A 17 3.73 -2.09 27.16
C LEU A 17 4.71 -1.67 26.07
N LYS A 18 5.47 -2.63 25.56
CA LYS A 18 6.37 -2.37 24.44
C LYS A 18 5.68 -2.71 23.12
N VAL A 19 5.14 -1.68 22.48
CA VAL A 19 4.28 -1.85 21.30
C VAL A 19 5.08 -2.09 20.02
N GLU A 20 4.63 -3.07 19.23
CA GLU A 20 5.26 -3.39 17.96
C GLU A 20 4.64 -2.57 16.82
N ASP A 21 5.03 -1.30 16.73
CA ASP A 21 4.43 -0.40 15.75
C ASP A 21 5.43 0.54 15.09
N GLY A 22 6.70 0.14 15.09
CA GLY A 22 7.74 0.96 14.49
C GLY A 22 8.14 0.49 13.11
N LEU A 23 9.35 0.86 12.70
CA LEU A 23 9.92 0.47 11.41
C LEU A 23 9.83 -1.03 11.20
N PHE A 24 8.99 -1.43 10.24
CA PHE A 24 8.73 -2.84 9.94
C PHE A 24 8.23 -3.63 11.16
N GLY A 25 7.55 -2.95 12.07
CA GLY A 25 6.90 -3.61 13.18
C GLY A 25 7.71 -3.70 14.45
N THR A 26 8.89 -3.09 14.44
CA THR A 26 9.78 -3.13 15.59
C THR A 26 9.17 -2.43 16.80
N SER A 27 9.71 -2.69 17.98
CA SER A 27 9.16 -2.13 19.21
C SER A 27 10.14 -1.19 19.90
N GLY A 28 11.33 -1.04 19.32
CA GLY A 28 12.37 -0.21 19.90
C GLY A 28 12.11 1.28 19.83
N GLY A 29 11.02 1.67 19.19
CA GLY A 29 10.65 3.07 19.09
C GLY A 29 11.26 3.75 17.88
N ILE A 30 11.80 2.97 16.95
CA ILE A 30 12.38 3.51 15.72
C ILE A 30 11.37 3.50 14.58
N GLY A 31 11.16 4.64 13.96
CA GLY A 31 10.24 4.75 12.84
C GLY A 31 9.32 5.94 12.91
N PHE A 32 8.55 6.15 11.85
CA PHE A 32 7.60 7.26 11.79
C PHE A 32 6.50 7.12 12.84
N THR A 33 5.97 8.25 13.30
CA THR A 33 4.77 8.25 14.11
C THR A 33 3.58 8.47 13.18
N LYS A 34 2.36 8.34 13.70
CA LYS A 34 1.18 8.58 12.88
C LYS A 34 1.12 10.03 12.39
N GLU A 35 1.74 10.93 13.15
CA GLU A 35 1.81 12.33 12.76
C GLU A 35 2.73 12.54 11.56
N ASN A 36 3.90 11.90 11.59
CA ASN A 36 4.82 11.94 10.47
C ASN A 36 4.17 11.38 9.22
N GLU A 37 3.60 10.19 9.35
CA GLU A 37 2.86 9.55 8.28
C GLU A 37 1.79 10.46 7.73
N LEU A 38 1.09 11.15 8.61
CA LEU A 38 0.03 12.06 8.21
C LEU A 38 0.60 13.20 7.36
N PHE A 39 1.74 13.74 7.78
CA PHE A 39 2.37 14.84 7.04
C PHE A 39 2.80 14.39 5.64
N VAL A 40 3.55 13.29 5.59
CA VAL A 40 3.97 12.72 4.31
C VAL A 40 2.75 12.46 3.44
N GLY A 41 1.65 12.06 4.08
CA GLY A 41 0.39 11.82 3.41
C GLY A 41 -0.15 13.10 2.78
N ARG A 42 -0.03 14.20 3.50
CA ARG A 42 -0.47 15.49 2.98
C ARG A 42 0.36 15.87 1.77
N VAL A 43 1.67 15.65 1.87
CA VAL A 43 2.57 15.95 0.76
C VAL A 43 2.19 15.13 -0.46
N ALA A 44 1.78 13.88 -0.23
CA ALA A 44 1.37 13.00 -1.31
C ALA A 44 0.05 13.47 -1.94
N MET A 45 -0.86 13.94 -1.09
CA MET A 45 -2.13 14.46 -1.58
C MET A 45 -1.86 15.64 -2.51
N ILE A 46 -1.04 16.58 -2.04
CA ILE A 46 -0.68 17.76 -2.81
C ILE A 46 -0.04 17.38 -4.14
N GLY A 47 0.98 16.53 -4.08
CA GLY A 47 1.69 16.08 -5.27
C GLY A 47 0.78 15.40 -6.28
N PHE A 48 -0.11 14.54 -5.79
CA PHE A 48 -1.03 13.80 -6.64
C PHE A 48 -2.01 14.74 -7.33
N ALA A 49 -2.63 15.62 -6.55
CA ALA A 49 -3.59 16.57 -7.09
C ALA A 49 -2.92 17.50 -8.10
N ALA A 50 -1.68 17.88 -7.81
CA ALA A 50 -0.93 18.76 -8.70
C ALA A 50 -0.61 18.02 -10.01
N SER A 51 -0.36 16.72 -9.90
CA SER A 51 -0.10 15.90 -11.07
C SER A 51 -1.32 15.84 -11.96
N LEU A 52 -2.46 15.49 -11.36
CA LEU A 52 -3.72 15.38 -12.09
C LEU A 52 -4.15 16.71 -12.73
N LEU A 53 -4.08 17.78 -11.94
CA LEU A 53 -4.47 19.11 -12.43
C LEU A 53 -3.53 19.61 -13.53
N GLY A 54 -2.23 19.48 -13.27
CA GLY A 54 -1.20 19.89 -14.21
C GLY A 54 -1.31 19.18 -15.55
N GLU A 55 -1.56 17.88 -15.51
CA GLU A 55 -1.75 17.14 -16.75
C GLU A 55 -3.06 17.55 -17.41
N GLY A 56 -4.09 17.74 -16.58
CA GLY A 56 -5.40 18.14 -17.07
C GLY A 56 -5.35 19.42 -17.87
N ILE A 57 -4.47 20.33 -17.46
CA ILE A 57 -4.32 21.62 -18.14
C ILE A 57 -3.32 21.55 -19.29
N THR A 58 -2.22 20.83 -19.10
CA THR A 58 -1.14 20.82 -20.08
C THR A 58 -1.12 19.61 -21.01
N GLY A 59 -1.75 18.52 -20.60
CA GLY A 59 -1.79 17.32 -21.41
C GLY A 59 -0.53 16.47 -21.28
N LYS A 60 0.33 16.82 -20.33
CA LYS A 60 1.58 16.10 -20.13
C LYS A 60 1.69 15.57 -18.70
N GLY A 61 2.29 14.39 -18.55
CA GLY A 61 2.49 13.80 -17.24
C GLY A 61 3.43 14.63 -16.39
N ILE A 62 3.37 14.43 -15.08
CA ILE A 62 4.19 15.22 -14.17
C ILE A 62 5.69 14.94 -14.35
N LEU A 63 6.03 13.69 -14.66
CA LEU A 63 7.43 13.33 -14.88
C LEU A 63 7.96 13.97 -16.17
N SER A 64 7.10 14.04 -17.18
CA SER A 64 7.44 14.74 -18.42
C SER A 64 7.67 16.22 -18.10
N GLN A 65 6.82 16.77 -17.24
CA GLN A 65 6.95 18.17 -16.83
C GLN A 65 8.23 18.41 -16.05
N LEU A 66 8.62 17.45 -15.22
CA LEU A 66 9.82 17.58 -14.40
C LEU A 66 11.08 17.21 -15.15
N ASN A 67 10.94 17.05 -16.47
CA ASN A 67 12.05 16.65 -17.35
C ASN A 67 12.70 15.32 -17.01
N LEU A 68 11.88 14.27 -16.88
CA LEU A 68 12.38 12.93 -16.64
C LEU A 68 11.96 12.00 -17.78
N GLU A 69 12.83 11.07 -18.14
CA GLU A 69 12.53 10.13 -19.22
C GLU A 69 11.33 9.25 -18.88
N THR A 70 10.31 9.29 -19.73
CA THR A 70 9.16 8.41 -19.57
C THR A 70 9.02 7.53 -20.82
N GLY A 71 8.40 6.37 -20.65
CA GLY A 71 8.32 5.40 -21.72
C GLY A 71 9.56 4.53 -21.74
N ILE A 72 10.10 4.28 -20.55
CA ILE A 72 11.31 3.49 -20.37
C ILE A 72 11.03 2.35 -19.41
N PRO A 73 11.91 1.33 -19.40
CA PRO A 73 11.75 0.31 -18.35
C PRO A 73 12.13 0.86 -16.98
N ILE A 74 11.67 0.21 -15.92
CA ILE A 74 11.87 0.69 -14.56
C ILE A 74 13.34 0.88 -14.19
N TYR A 75 14.19 -0.04 -14.62
CA TYR A 75 15.60 0.00 -14.21
C TYR A 75 16.41 1.13 -14.86
N GLU A 76 15.96 1.60 -16.01
CA GLU A 76 16.63 2.72 -16.69
C GLU A 76 16.22 4.07 -16.10
N ALA A 77 15.28 4.05 -15.17
CA ALA A 77 14.77 5.29 -14.56
C ALA A 77 15.70 5.82 -13.48
N GLU A 78 15.63 7.13 -13.25
CA GLU A 78 16.45 7.80 -12.25
C GLU A 78 16.21 7.22 -10.86
N PRO A 79 17.27 6.67 -10.24
CA PRO A 79 17.22 6.01 -8.93
C PRO A 79 16.53 6.82 -7.83
N LEU A 80 16.55 8.15 -7.90
CA LEU A 80 15.85 8.95 -6.91
C LEU A 80 14.34 8.82 -7.06
N LEU A 81 13.89 8.68 -8.30
CA LEU A 81 12.47 8.48 -8.57
C LEU A 81 12.03 7.12 -8.05
N LEU A 82 12.83 6.10 -8.34
CA LEU A 82 12.55 4.75 -7.84
C LEU A 82 12.52 4.72 -6.33
N PHE A 83 13.49 5.38 -5.70
CA PHE A 83 13.56 5.45 -4.25
C PHE A 83 12.34 6.17 -3.69
N PHE A 84 11.92 7.24 -4.35
CA PHE A 84 10.74 7.98 -3.91
C PHE A 84 9.50 7.11 -3.98
N ILE A 85 9.37 6.34 -5.06
CA ILE A 85 8.26 5.42 -5.22
C ILE A 85 8.25 4.33 -4.14
N LEU A 86 9.42 3.76 -3.89
CA LEU A 86 9.56 2.74 -2.85
C LEU A 86 9.19 3.32 -1.48
N PHE A 87 9.68 4.52 -1.21
CA PHE A 87 9.41 5.24 0.03
C PHE A 87 7.91 5.45 0.21
N THR A 88 7.26 5.91 -0.85
CA THR A 88 5.81 6.14 -0.83
C THR A 88 5.04 4.85 -0.56
N LEU A 89 5.43 3.78 -1.25
CA LEU A 89 4.76 2.50 -1.09
C LEU A 89 4.93 1.91 0.31
N LEU A 90 6.14 1.96 0.84
CA LEU A 90 6.39 1.47 2.20
C LEU A 90 5.68 2.34 3.24
N GLY A 91 5.59 3.64 2.96
CA GLY A 91 4.90 4.56 3.85
C GLY A 91 3.41 4.28 3.88
N ALA A 92 2.84 3.96 2.72
CA ALA A 92 1.41 3.69 2.61
C ALA A 92 0.97 2.51 3.46
N ILE A 93 1.83 1.49 3.58
CA ILE A 93 1.49 0.30 4.36
C ILE A 93 2.02 0.41 5.79
N GLY A 94 2.53 1.58 6.15
CA GLY A 94 3.01 1.82 7.49
C GLY A 94 4.29 1.08 7.84
N ALA A 95 5.01 0.65 6.80
CA ALA A 95 6.23 -0.12 7.00
C ALA A 95 7.36 0.71 7.60
N LEU A 96 7.31 2.02 7.39
CA LEU A 96 8.36 2.91 7.87
C LEU A 96 8.08 3.40 9.29
N GLY A 97 7.03 2.88 9.90
CA GLY A 97 6.64 3.30 11.23
C GLY A 97 5.20 3.77 11.28
N ASP A 98 4.50 3.41 12.34
CA ASP A 98 3.09 3.72 12.51
C ASP A 98 2.87 3.91 14.01
N ARG A 99 3.88 4.46 14.67
CA ARG A 99 3.90 4.57 16.14
C ARG A 99 2.83 5.51 16.69
N GLY A 100 2.14 5.06 17.72
CA GLY A 100 1.12 5.86 18.38
C GLY A 100 -0.29 5.55 17.92
N ARG A 101 -1.23 6.36 18.39
CA ARG A 101 -2.64 6.17 18.07
C ARG A 101 -3.33 7.52 17.90
N PHE A 102 -4.32 7.56 17.02
CA PHE A 102 -5.23 8.69 16.94
C PHE A 102 -6.49 8.32 17.69
N VAL A 103 -6.91 9.18 18.61
CA VAL A 103 -8.11 8.92 19.40
C VAL A 103 -9.08 10.08 19.33
N ASP A 104 -10.36 9.80 19.57
CA ASP A 104 -11.37 10.85 19.65
C ASP A 104 -11.11 11.72 20.87
N GLU A 105 -11.41 13.00 20.76
CA GLU A 105 -11.32 13.90 21.91
C GLU A 105 -12.59 13.79 22.74
N PRO A 106 -12.47 13.83 24.07
CA PRO A 106 -13.63 13.68 24.95
C PRO A 106 -14.59 14.87 24.85
N PHE A 134 -18.04 17.96 12.54
CA PHE A 134 -18.39 16.60 12.14
C PHE A 134 -17.63 16.18 10.88
N GLY A 135 -16.48 16.80 10.64
CA GLY A 135 -15.67 16.49 9.48
C GLY A 135 -14.75 15.30 9.69
N PHE A 136 -13.66 15.25 8.93
CA PHE A 136 -12.71 14.14 9.00
C PHE A 136 -11.98 14.13 10.34
N THR A 137 -11.74 12.94 10.87
CA THR A 137 -10.86 12.79 12.03
C THR A 137 -9.44 12.62 11.51
N LYS A 138 -8.45 12.73 12.40
CA LYS A 138 -7.05 12.62 12.00
C LYS A 138 -6.78 11.29 11.30
N SER A 139 -7.49 10.25 11.73
CA SER A 139 -7.35 8.92 11.14
C SER A 139 -7.87 8.90 9.71
N ASN A 140 -9.04 9.52 9.50
CA ASN A 140 -9.62 9.65 8.17
C ASN A 140 -8.64 10.33 7.24
N GLU A 141 -8.03 11.41 7.73
CA GLU A 141 -7.04 12.16 6.98
C GLU A 141 -5.84 11.27 6.65
N LEU A 142 -5.43 10.45 7.61
CA LEU A 142 -4.33 9.51 7.41
C LEU A 142 -4.64 8.54 6.27
N PHE A 143 -5.87 8.03 6.25
CA PHE A 143 -6.25 7.08 5.20
C PHE A 143 -6.43 7.71 3.83
N VAL A 144 -6.94 8.93 3.79
CA VAL A 144 -6.98 9.68 2.53
C VAL A 144 -5.55 9.86 2.03
N GLY A 145 -4.64 10.12 2.97
CA GLY A 145 -3.23 10.26 2.66
C GLY A 145 -2.64 8.98 2.09
N ARG A 146 -3.03 7.84 2.65
CA ARG A 146 -2.50 6.55 2.17
C ARG A 146 -3.07 6.19 0.79
N LEU A 147 -4.35 6.47 0.57
CA LEU A 147 -4.93 6.27 -0.76
C LEU A 147 -4.17 7.13 -1.77
N ALA A 148 -3.92 8.39 -1.39
CA ALA A 148 -3.15 9.29 -2.23
C ALA A 148 -1.76 8.73 -2.54
N GLN A 149 -1.10 8.20 -1.52
CA GLN A 149 0.22 7.61 -1.72
C GLN A 149 0.19 6.44 -2.70
N LEU A 150 -0.78 5.56 -2.52
CA LEU A 150 -0.97 4.43 -3.42
C LEU A 150 -1.14 4.90 -4.87
N GLY A 151 -2.18 5.69 -5.09
CA GLY A 151 -2.51 6.18 -6.42
C GLY A 151 -1.35 6.94 -7.07
N PHE A 152 -0.64 7.70 -6.26
CA PHE A 152 0.50 8.48 -6.74
C PHE A 152 1.60 7.56 -7.23
N ALA A 153 2.02 6.63 -6.36
CA ALA A 153 3.07 5.69 -6.71
C ALA A 153 2.71 4.90 -7.98
N PHE A 154 1.49 4.38 -8.01
CA PHE A 154 0.99 3.66 -9.18
C PHE A 154 1.07 4.51 -10.45
N SER A 155 0.59 5.76 -10.36
CA SER A 155 0.59 6.64 -11.52
C SER A 155 2.00 6.94 -11.99
N LEU A 156 2.93 7.04 -11.04
CA LEU A 156 4.32 7.31 -11.39
C LEU A 156 4.96 6.12 -12.09
N ILE A 157 4.77 4.93 -11.55
CA ILE A 157 5.25 3.71 -12.19
C ILE A 157 4.71 3.59 -13.61
N GLY A 158 3.40 3.76 -13.73
CA GLY A 158 2.73 3.72 -15.00
C GLY A 158 3.26 4.74 -15.99
N GLU A 159 3.53 5.95 -15.53
CA GLU A 159 4.06 6.98 -16.41
C GLU A 159 5.48 6.64 -16.84
N ILE A 160 6.24 6.03 -15.95
CA ILE A 160 7.58 5.58 -16.27
C ILE A 160 7.53 4.60 -17.42
N ILE A 161 6.74 3.55 -17.25
CA ILE A 161 6.69 2.47 -18.24
C ILE A 161 6.00 2.82 -19.56
N THR A 162 4.85 3.48 -19.49
CA THR A 162 4.04 3.73 -20.69
C THR A 162 4.26 5.12 -21.31
N GLY A 163 4.67 6.09 -20.51
CA GLY A 163 4.90 7.43 -21.00
C GLY A 163 3.62 8.25 -21.03
N LYS A 164 2.67 7.88 -20.17
CA LYS A 164 1.41 8.59 -20.07
C LYS A 164 1.14 8.97 -18.62
N GLY A 165 0.72 10.21 -18.40
CA GLY A 165 0.45 10.70 -17.07
C GLY A 165 -0.76 10.03 -16.43
N ALA A 166 -1.06 10.42 -15.20
CA ALA A 166 -2.14 9.80 -14.43
C ALA A 166 -3.50 9.91 -15.11
N LEU A 167 -3.76 11.06 -15.76
CA LEU A 167 -5.05 11.29 -16.38
C LEU A 167 -5.27 10.39 -17.59
N ALA A 168 -4.26 10.30 -18.46
CA ALA A 168 -4.31 9.41 -19.62
C ALA A 168 -4.46 7.96 -19.16
N GLN A 169 -3.70 7.61 -18.14
CA GLN A 169 -3.79 6.29 -17.52
C GLN A 169 -5.22 6.00 -17.10
N LEU A 170 -5.84 6.93 -16.39
CA LEU A 170 -7.24 6.78 -15.97
C LEU A 170 -8.15 6.58 -17.17
N ASN A 171 -7.92 7.35 -18.22
CA ASN A 171 -8.68 7.22 -19.45
C ASN A 171 -8.61 5.82 -20.06
N ILE A 172 -7.41 5.22 -20.04
CA ILE A 172 -7.24 3.87 -20.56
C ILE A 172 -7.82 2.82 -19.62
N GLU A 173 -7.65 3.04 -18.32
CA GLU A 173 -8.14 2.14 -17.28
C GLU A 173 -9.65 1.98 -17.32
N THR A 174 -10.36 3.11 -17.31
CA THR A 174 -11.81 3.10 -17.19
C THR A 174 -12.50 3.02 -18.54
N GLY A 175 -11.82 3.50 -19.58
CA GLY A 175 -12.41 3.56 -20.90
C GLY A 175 -13.29 4.78 -21.07
N VAL A 176 -13.38 5.57 -20.00
CA VAL A 176 -14.12 6.83 -20.03
C VAL A 176 -13.29 7.88 -20.76
N PRO A 177 -13.91 8.57 -21.75
CA PRO A 177 -13.22 9.62 -22.52
C PRO A 177 -12.67 10.72 -21.63
N ILE A 178 -11.65 11.43 -22.12
CA ILE A 178 -11.02 12.50 -21.34
C ILE A 178 -12.03 13.57 -20.92
N ASN A 179 -12.92 13.94 -21.83
CA ASN A 179 -13.90 14.99 -21.56
C ASN A 179 -14.87 14.61 -20.43
N GLU A 180 -15.18 13.33 -20.32
CA GLU A 180 -16.10 12.86 -19.29
C GLU A 180 -15.37 12.49 -18.00
N ILE A 181 -14.05 12.32 -18.08
CA ILE A 181 -13.27 11.93 -16.92
C ILE A 181 -12.69 13.15 -16.19
N GLU A 182 -12.52 14.25 -16.93
CA GLU A 182 -11.96 15.49 -16.38
C GLU A 182 -12.71 16.13 -15.21
N PRO A 183 -14.04 16.21 -15.27
CA PRO A 183 -14.74 16.80 -14.12
C PRO A 183 -14.58 15.99 -12.84
N LEU A 184 -14.58 14.66 -12.97
CA LEU A 184 -14.44 13.77 -11.83
C LEU A 184 -13.04 13.85 -11.23
N VAL A 185 -12.05 14.08 -12.08
CA VAL A 185 -10.68 14.23 -11.62
C VAL A 185 -10.50 15.59 -10.92
N LEU A 186 -11.10 16.62 -11.49
CA LEU A 186 -11.09 17.94 -10.86
C LEU A 186 -11.70 17.88 -9.47
N LEU A 187 -12.82 17.17 -9.36
CA LEU A 187 -13.45 16.94 -8.05
C LEU A 187 -12.46 16.29 -7.09
N ASN A 188 -11.79 15.24 -7.57
CA ASN A 188 -10.76 14.56 -6.78
C ASN A 188 -9.58 15.47 -6.45
N VAL A 189 -9.26 16.39 -7.35
CA VAL A 189 -8.21 17.36 -7.09
C VAL A 189 -8.59 18.28 -5.94
N VAL A 190 -9.78 18.86 -6.02
CA VAL A 190 -10.28 19.74 -4.98
C VAL A 190 -10.43 18.99 -3.65
N PHE A 191 -10.85 17.73 -3.72
CA PHE A 191 -10.95 16.88 -2.52
C PHE A 191 -9.59 16.73 -1.84
N PHE A 192 -8.57 16.39 -2.63
CA PHE A 192 -7.24 16.16 -2.08
C PHE A 192 -6.61 17.44 -1.52
N PHE A 193 -6.82 18.55 -2.22
CA PHE A 193 -6.26 19.84 -1.81
C PHE A 193 -6.84 20.34 -0.49
N ILE A 194 -8.14 20.15 -0.30
CA ILE A 194 -8.79 20.55 0.94
C ILE A 194 -8.35 19.65 2.09
N ALA A 195 -8.30 18.34 1.82
CA ALA A 195 -7.87 17.38 2.83
C ALA A 195 -6.43 17.62 3.26
N ALA A 196 -5.60 18.05 2.31
CA ALA A 196 -4.20 18.32 2.59
C ALA A 196 -4.05 19.43 3.61
N ILE A 197 -4.97 20.39 3.56
CA ILE A 197 -4.94 21.55 4.44
C ILE A 197 -5.64 21.26 5.76
N ASN A 198 -6.63 20.37 5.72
CA ASN A 198 -7.41 20.03 6.90
C ASN A 198 -6.63 19.19 7.92
N PRO A 199 -6.52 19.69 9.16
CA PRO A 199 -5.78 19.01 10.23
C PRO A 199 -6.49 17.76 10.76
N GLY A 200 -7.82 17.76 10.74
CA GLY A 200 -8.60 16.64 11.23
C GLY A 200 -8.79 16.68 12.74
N THR A 201 -9.92 16.17 13.21
CA THR A 201 -10.22 16.17 14.63
C THR A 201 -9.56 14.99 15.35
N GLY A 202 -9.42 15.12 16.67
CA GLY A 202 -8.80 14.09 17.48
C GLY A 202 -7.41 14.48 17.96
N LYS A 203 -6.80 13.65 18.79
CA LYS A 203 -5.44 13.91 19.26
C LYS A 203 -4.54 12.68 19.17
N PHE A 204 -3.23 12.91 19.24
CA PHE A 204 -2.22 11.86 19.10
C PHE A 204 -1.75 11.36 20.46
N ILE A 205 -1.56 10.05 20.58
CA ILE A 205 -1.21 9.44 21.87
C ILE A 205 -0.16 8.33 21.73
N THR A 206 0.87 8.38 22.57
CA THR A 206 1.86 7.29 22.63
C THR A 206 1.61 6.40 23.83
N LEU B 17 -10.80 8.83 24.35
CA LEU B 17 -10.83 7.50 24.92
C LEU B 17 -10.87 6.43 23.82
N LYS B 18 -11.75 6.64 22.85
CA LYS B 18 -11.91 5.68 21.75
C LYS B 18 -10.83 5.84 20.69
N VAL B 19 -10.22 4.71 20.30
CA VAL B 19 -9.15 4.72 19.31
C VAL B 19 -9.72 4.72 17.90
N GLU B 20 -9.13 5.51 17.02
CA GLU B 20 -9.54 5.60 15.64
C GLU B 20 -8.70 4.64 14.79
N ASP B 21 -9.09 3.37 14.78
CA ASP B 21 -8.27 2.34 14.14
C ASP B 21 -9.09 1.29 13.39
N GLY B 22 -10.36 1.59 13.15
CA GLY B 22 -11.23 0.68 12.44
C GLY B 22 -11.34 0.96 10.96
N LEU B 23 -12.48 0.59 10.39
CA LEU B 23 -12.77 0.80 8.97
C LEU B 23 -12.59 2.27 8.59
N PHE B 24 -11.61 2.52 7.73
CA PHE B 24 -11.28 3.89 7.28
C PHE B 24 -10.92 4.83 8.43
N GLY B 25 -10.45 4.25 9.53
CA GLY B 25 -10.01 5.03 10.67
C GLY B 25 -11.09 5.34 11.69
N THR B 26 -12.25 4.70 11.53
CA THR B 26 -13.37 4.96 12.42
C THR B 26 -13.05 4.54 13.85
N SER B 27 -13.87 4.98 14.81
CA SER B 27 -13.67 4.61 16.20
C SER B 27 -14.84 3.78 16.72
N GLY B 28 -15.75 3.43 15.81
CA GLY B 28 -16.93 2.68 16.18
C GLY B 28 -16.71 1.21 16.50
N GLY B 29 -15.49 0.73 16.26
CA GLY B 29 -15.17 -0.67 16.49
C GLY B 29 -15.59 -1.56 15.34
N ILE B 30 -15.70 -0.97 14.16
CA ILE B 30 -16.02 -1.71 12.95
C ILE B 30 -14.76 -1.90 12.11
N GLY B 31 -14.59 -3.08 11.53
CA GLY B 31 -13.44 -3.35 10.69
C GLY B 31 -12.52 -4.41 11.24
N PHE B 32 -11.46 -4.72 10.48
CA PHE B 32 -10.51 -5.76 10.86
C PHE B 32 -9.75 -5.43 12.14
N THR B 33 -9.34 -6.47 12.86
CA THR B 33 -8.36 -6.32 13.92
C THR B 33 -7.00 -6.63 13.29
N LYS B 34 -5.93 -6.46 14.05
CA LYS B 34 -4.61 -6.78 13.52
C LYS B 34 -4.45 -8.29 13.26
N GLU B 35 -5.24 -9.09 13.97
CA GLU B 35 -5.23 -10.53 13.79
C GLU B 35 -5.83 -10.92 12.43
N ASN B 36 -6.98 -10.35 12.13
CA ASN B 36 -7.63 -10.58 10.84
C ASN B 36 -6.69 -10.20 9.71
N GLU B 37 -6.09 -9.03 9.83
CA GLU B 37 -5.13 -8.52 8.87
C GLU B 37 -3.98 -9.50 8.70
N LEU B 38 -3.49 -10.04 9.82
CA LEU B 38 -2.39 -10.99 9.78
C LEU B 38 -2.78 -12.25 9.01
N PHE B 39 -3.99 -12.75 9.26
CA PHE B 39 -4.47 -13.94 8.57
C PHE B 39 -4.58 -13.72 7.06
N VAL B 40 -5.28 -12.65 6.69
CA VAL B 40 -5.40 -12.27 5.28
C VAL B 40 -4.01 -12.13 4.66
N GLY B 41 -3.07 -11.64 5.46
CA GLY B 41 -1.69 -11.53 5.05
C GLY B 41 -1.08 -12.88 4.74
N ARG B 42 -1.35 -13.87 5.59
CA ARG B 42 -0.85 -15.22 5.38
C ARG B 42 -1.39 -15.79 4.09
N VAL B 43 -2.70 -15.66 3.90
CA VAL B 43 -3.34 -16.14 2.68
C VAL B 43 -2.72 -15.47 1.45
N ALA B 44 -2.38 -14.20 1.59
CA ALA B 44 -1.76 -13.46 0.50
C ALA B 44 -0.34 -13.95 0.21
N MET B 45 0.40 -14.28 1.27
CA MET B 45 1.75 -14.82 1.13
C MET B 45 1.70 -16.11 0.35
N ILE B 46 0.81 -17.01 0.77
CA ILE B 46 0.65 -18.30 0.11
C ILE B 46 0.20 -18.13 -1.35
N GLY B 47 -0.77 -17.26 -1.59
CA GLY B 47 -1.28 -17.04 -2.92
C GLY B 47 -0.26 -16.45 -3.87
N PHE B 48 0.51 -15.48 -3.37
CA PHE B 48 1.54 -14.84 -4.17
C PHE B 48 2.66 -15.81 -4.50
N ALA B 49 3.17 -16.49 -3.47
CA ALA B 49 4.24 -17.47 -3.67
C ALA B 49 3.81 -18.58 -4.62
N ALA B 50 2.57 -19.03 -4.48
CA ALA B 50 2.03 -20.07 -5.34
C ALA B 50 1.81 -19.55 -6.76
N SER B 51 1.63 -18.24 -6.88
CA SER B 51 1.48 -17.64 -8.19
C SER B 51 2.83 -17.66 -8.92
N LEU B 52 3.87 -17.24 -8.20
CA LEU B 52 5.22 -17.24 -8.76
C LEU B 52 5.66 -18.66 -9.12
N LEU B 53 5.54 -19.57 -8.16
CA LEU B 53 5.87 -20.97 -8.37
C LEU B 53 5.08 -21.56 -9.53
N GLY B 54 3.78 -21.30 -9.54
CA GLY B 54 2.89 -21.79 -10.57
C GLY B 54 3.26 -21.29 -11.95
N GLU B 55 3.72 -20.05 -12.04
CA GLU B 55 4.16 -19.52 -13.31
C GLU B 55 5.46 -20.20 -13.72
N GLY B 56 6.31 -20.47 -12.73
CA GLY B 56 7.55 -21.18 -12.98
C GLY B 56 7.31 -22.55 -13.57
N ILE B 57 6.28 -23.22 -13.07
CA ILE B 57 5.93 -24.56 -13.54
C ILE B 57 5.24 -24.55 -14.91
N THR B 58 4.23 -23.70 -15.05
CA THR B 58 3.35 -23.75 -16.21
C THR B 58 3.71 -22.74 -17.32
N GLY B 59 4.58 -21.80 -16.99
CA GLY B 59 4.97 -20.77 -17.95
C GLY B 59 3.89 -19.74 -18.22
N LYS B 60 2.81 -19.79 -17.44
CA LYS B 60 1.71 -18.85 -17.58
C LYS B 60 1.41 -18.15 -16.25
N GLY B 61 0.93 -16.91 -16.33
CA GLY B 61 0.53 -16.18 -15.13
C GLY B 61 -0.66 -16.85 -14.47
N ILE B 62 -0.90 -16.52 -13.21
CA ILE B 62 -1.95 -17.20 -12.44
C ILE B 62 -3.35 -16.98 -13.04
N LEU B 63 -3.59 -15.79 -13.58
CA LEU B 63 -4.89 -15.50 -14.19
C LEU B 63 -5.08 -16.36 -15.44
N SER B 64 -4.02 -16.51 -16.22
CA SER B 64 -4.06 -17.33 -17.41
C SER B 64 -4.19 -18.81 -17.03
N GLN B 65 -3.62 -19.19 -15.89
CA GLN B 65 -3.74 -20.55 -15.38
C GLN B 65 -5.18 -20.83 -14.97
N LEU B 66 -5.83 -19.84 -14.37
CA LEU B 66 -7.23 -19.96 -13.97
C LEU B 66 -8.15 -19.67 -15.15
N ASN B 67 -7.53 -19.46 -16.32
CA ASN B 67 -8.25 -19.18 -17.56
C ASN B 67 -9.13 -17.93 -17.48
N LEU B 68 -8.61 -16.89 -16.84
CA LEU B 68 -9.24 -15.58 -16.84
C LEU B 68 -8.64 -14.76 -17.97
N GLU B 69 -9.46 -13.93 -18.62
CA GLU B 69 -9.02 -13.14 -19.76
C GLU B 69 -7.93 -12.15 -19.38
N THR B 70 -6.84 -12.14 -20.16
CA THR B 70 -5.71 -11.25 -19.89
C THR B 70 -5.30 -10.47 -21.14
N GLY B 71 -4.38 -9.51 -20.96
CA GLY B 71 -3.99 -8.64 -22.04
C GLY B 71 -5.14 -7.75 -22.47
N ILE B 72 -5.93 -7.32 -21.49
CA ILE B 72 -7.12 -6.54 -21.75
C ILE B 72 -7.14 -5.29 -20.88
N PRO B 73 -7.95 -4.29 -21.23
CA PRO B 73 -8.11 -3.15 -20.32
C PRO B 73 -8.77 -3.54 -19.01
N ILE B 74 -8.44 -2.82 -17.95
CA ILE B 74 -8.94 -3.11 -16.59
C ILE B 74 -10.46 -3.24 -16.52
N TYR B 75 -11.18 -2.36 -17.18
CA TYR B 75 -12.64 -2.33 -17.07
C TYR B 75 -13.32 -3.55 -17.71
N GLU B 76 -12.56 -4.34 -18.46
CA GLU B 76 -13.09 -5.55 -19.08
C GLU B 76 -12.69 -6.80 -18.29
N ALA B 77 -11.96 -6.61 -17.20
CA ALA B 77 -11.55 -7.72 -16.36
C ALA B 77 -12.71 -8.19 -15.51
N GLU B 78 -12.62 -9.40 -14.97
CA GLU B 78 -13.68 -9.94 -14.13
C GLU B 78 -13.87 -9.08 -12.87
N PRO B 79 -15.11 -8.65 -12.63
CA PRO B 79 -15.47 -7.80 -11.49
C PRO B 79 -15.07 -8.41 -10.15
N LEU B 80 -15.11 -9.74 -10.03
CA LEU B 80 -14.68 -10.39 -8.79
C LEU B 80 -13.17 -10.26 -8.61
N LEU B 81 -12.44 -10.36 -9.72
CA LEU B 81 -11.00 -10.18 -9.70
C LEU B 81 -10.65 -8.74 -9.31
N LEU B 82 -11.40 -7.79 -9.88
CA LEU B 82 -11.20 -6.38 -9.59
C LEU B 82 -11.52 -6.04 -8.14
N PHE B 83 -12.61 -6.59 -7.62
CA PHE B 83 -13.00 -6.37 -6.24
C PHE B 83 -12.00 -7.05 -5.31
N PHE B 84 -11.38 -8.13 -5.77
CA PHE B 84 -10.35 -8.81 -4.99
C PHE B 84 -9.08 -7.97 -4.94
N ILE B 85 -8.76 -7.31 -6.04
CA ILE B 85 -7.60 -6.42 -6.09
C ILE B 85 -7.84 -5.23 -5.18
N LEU B 86 -9.03 -4.65 -5.26
CA LEU B 86 -9.40 -3.54 -4.41
C LEU B 86 -9.33 -3.93 -2.93
N PHE B 87 -9.90 -5.07 -2.60
CA PHE B 87 -9.88 -5.60 -1.24
C PHE B 87 -8.45 -5.79 -0.73
N THR B 88 -7.61 -6.40 -1.56
CA THR B 88 -6.21 -6.64 -1.21
C THR B 88 -5.47 -5.33 -0.95
N LEU B 89 -5.66 -4.36 -1.85
CA LEU B 89 -5.00 -3.06 -1.73
C LEU B 89 -5.45 -2.29 -0.49
N LEU B 90 -6.77 -2.22 -0.27
CA LEU B 90 -7.30 -1.52 0.90
C LEU B 90 -6.92 -2.24 2.19
N GLY B 91 -6.67 -3.54 2.07
CA GLY B 91 -6.25 -4.33 3.22
C GLY B 91 -4.80 -4.08 3.56
N ALA B 92 -3.97 -3.94 2.54
CA ALA B 92 -2.54 -3.70 2.71
C ALA B 92 -2.28 -2.40 3.46
N ILE B 93 -3.11 -1.39 3.21
CA ILE B 93 -2.90 -0.09 3.87
C ILE B 93 -3.71 0.04 5.15
N GLY B 94 -4.38 -1.05 5.54
CA GLY B 94 -5.11 -1.08 6.79
C GLY B 94 -6.42 -0.31 6.77
N ALA B 95 -6.95 -0.06 5.59
CA ALA B 95 -8.15 0.74 5.45
C ALA B 95 -9.42 -0.04 5.79
N LEU B 96 -9.28 -1.34 6.01
CA LEU B 96 -10.42 -2.18 6.33
C LEU B 96 -10.48 -2.50 7.82
N GLY B 97 -9.63 -1.83 8.59
CA GLY B 97 -9.55 -2.07 10.02
C GLY B 97 -8.15 -2.43 10.45
N ASP B 98 -7.69 -1.79 11.53
CA ASP B 98 -6.35 -2.02 12.06
C ASP B 98 -6.44 -1.95 13.59
N ARG B 99 -7.41 -2.66 14.14
CA ARG B 99 -7.76 -2.53 15.56
C ARG B 99 -6.84 -3.32 16.49
N GLY B 100 -6.67 -2.80 17.70
CA GLY B 100 -5.80 -3.42 18.69
C GLY B 100 -4.34 -3.21 18.36
N ARG B 101 -3.47 -3.85 19.13
CA ARG B 101 -2.03 -3.73 18.94
C ARG B 101 -1.33 -5.06 19.08
N PHE B 102 -0.11 -5.13 18.55
CA PHE B 102 0.79 -6.24 18.81
C PHE B 102 1.87 -5.73 19.76
N VAL B 103 2.03 -6.40 20.90
CA VAL B 103 3.05 -6.02 21.86
C VAL B 103 4.03 -7.16 22.13
N ASP B 104 5.25 -6.83 22.53
CA ASP B 104 6.23 -7.84 22.93
C ASP B 104 5.71 -8.56 24.16
N GLU B 105 5.85 -9.88 24.17
CA GLU B 105 5.43 -10.66 25.33
C GLU B 105 6.47 -10.49 26.43
N PRO B 106 6.02 -10.03 27.62
CA PRO B 106 6.93 -9.72 28.73
C PRO B 106 7.64 -10.96 29.28
N GLY B 135 12.66 -15.72 15.01
CA GLY B 135 12.79 -14.49 15.75
C GLY B 135 11.83 -13.40 15.30
N PHE B 136 10.97 -13.72 14.32
CA PHE B 136 10.01 -12.76 13.79
C PHE B 136 8.84 -12.53 14.74
N THR B 137 8.50 -11.26 14.94
CA THR B 137 7.33 -10.92 15.75
C THR B 137 6.10 -10.97 14.86
N LYS B 138 4.92 -10.91 15.48
CA LYS B 138 3.67 -10.95 14.72
C LYS B 138 3.49 -9.70 13.87
N SER B 139 4.12 -8.60 14.29
CA SER B 139 4.06 -7.36 13.53
C SER B 139 4.90 -7.49 12.26
N ASN B 140 6.08 -8.09 12.39
CA ASN B 140 6.93 -8.39 11.24
C ASN B 140 6.16 -9.24 10.25
N GLU B 141 5.44 -10.22 10.79
CA GLU B 141 4.58 -11.09 9.98
C GLU B 141 3.53 -10.27 9.24
N LEU B 142 2.93 -9.33 9.97
CA LEU B 142 1.91 -8.46 9.40
C LEU B 142 2.44 -7.67 8.21
N PHE B 143 3.67 -7.18 8.34
CA PHE B 143 4.28 -6.39 7.28
C PHE B 143 4.78 -7.22 6.11
N VAL B 144 5.22 -8.45 6.37
CA VAL B 144 5.56 -9.37 5.29
C VAL B 144 4.28 -9.65 4.50
N GLY B 145 3.17 -9.83 5.21
CA GLY B 145 1.90 -10.07 4.58
C GLY B 145 1.39 -8.87 3.80
N ARG B 146 1.71 -7.67 4.28
CA ARG B 146 1.32 -6.46 3.57
C ARG B 146 2.14 -6.30 2.28
N LEU B 147 3.44 -6.61 2.38
CA LEU B 147 4.28 -6.62 1.18
C LEU B 147 3.73 -7.62 0.17
N ALA B 148 3.38 -8.80 0.65
CA ALA B 148 2.79 -9.84 -0.19
C ALA B 148 1.52 -9.34 -0.86
N GLN B 149 0.68 -8.65 -0.10
CA GLN B 149 -0.57 -8.10 -0.64
C GLN B 149 -0.30 -7.08 -1.75
N LEU B 150 0.64 -6.17 -1.50
CA LEU B 150 1.04 -5.19 -2.48
C LEU B 150 1.53 -5.84 -3.77
N GLY B 151 2.54 -6.69 -3.65
CA GLY B 151 3.13 -7.37 -4.79
C GLY B 151 2.11 -8.19 -5.57
N PHE B 152 1.23 -8.86 -4.84
CA PHE B 152 0.18 -9.67 -5.45
C PHE B 152 -0.73 -8.79 -6.30
N ALA B 153 -1.32 -7.77 -5.70
CA ALA B 153 -2.23 -6.87 -6.41
C ALA B 153 -1.56 -6.23 -7.63
N PHE B 154 -0.32 -5.79 -7.44
CA PHE B 154 0.49 -5.23 -8.51
C PHE B 154 0.59 -6.20 -9.69
N SER B 155 1.09 -7.40 -9.42
CA SER B 155 1.29 -8.40 -10.46
C SER B 155 -0.03 -8.77 -11.14
N LEU B 156 -1.13 -8.73 -10.39
CA LEU B 156 -2.44 -9.02 -10.95
C LEU B 156 -2.87 -7.95 -11.95
N ILE B 157 -2.75 -6.69 -11.56
CA ILE B 157 -3.07 -5.58 -12.46
C ILE B 157 -2.20 -5.64 -13.72
N GLY B 158 -0.91 -5.90 -13.50
CA GLY B 158 0.04 -6.02 -14.58
C GLY B 158 -0.31 -7.13 -15.55
N GLU B 159 -0.79 -8.26 -15.02
CA GLU B 159 -1.15 -9.38 -15.87
C GLU B 159 -2.44 -9.08 -16.62
N ILE B 160 -3.34 -8.33 -15.99
CA ILE B 160 -4.56 -7.90 -16.66
C ILE B 160 -4.25 -7.03 -17.86
N ILE B 161 -3.43 -6.00 -17.64
CA ILE B 161 -3.09 -5.05 -18.70
C ILE B 161 -2.21 -5.64 -19.80
N THR B 162 -1.19 -6.40 -19.42
CA THR B 162 -0.18 -6.84 -20.37
C THR B 162 -0.26 -8.32 -20.77
N GLY B 163 -0.86 -9.15 -19.92
CA GLY B 163 -0.98 -10.56 -20.21
C GLY B 163 0.20 -11.38 -19.71
N LYS B 164 1.07 -10.74 -18.94
CA LYS B 164 2.28 -11.40 -18.45
C LYS B 164 2.26 -11.57 -16.93
N GLY B 165 2.77 -12.71 -16.46
CA GLY B 165 2.77 -13.02 -15.05
C GLY B 165 3.85 -12.28 -14.29
N ALA B 166 3.92 -12.52 -12.98
CA ALA B 166 4.86 -11.82 -12.11
C ALA B 166 6.31 -12.05 -12.50
N LEU B 167 6.63 -13.25 -12.97
CA LEU B 167 8.00 -13.58 -13.37
C LEU B 167 8.44 -12.72 -14.56
N ALA B 168 7.68 -12.78 -15.65
CA ALA B 168 7.98 -12.00 -16.85
C ALA B 168 8.01 -10.52 -16.51
N GLN B 169 7.07 -10.10 -15.67
CA GLN B 169 7.02 -8.73 -15.20
C GLN B 169 8.32 -8.34 -14.51
N LEU B 170 8.84 -9.23 -13.67
CA LEU B 170 10.11 -8.98 -12.98
C LEU B 170 11.27 -8.88 -13.97
N ASN B 171 11.27 -9.78 -14.95
CA ASN B 171 12.26 -9.75 -16.02
C ASN B 171 12.28 -8.41 -16.76
N ILE B 172 11.11 -7.90 -17.10
CA ILE B 172 11.01 -6.62 -17.80
C ILE B 172 11.28 -5.42 -16.88
N GLU B 173 10.95 -5.57 -15.60
CA GLU B 173 11.21 -4.56 -14.59
C GLU B 173 12.70 -4.36 -14.39
N THR B 174 13.44 -5.46 -14.38
CA THR B 174 14.85 -5.43 -14.01
C THR B 174 15.80 -5.54 -15.21
N GLY B 175 15.33 -6.17 -16.28
CA GLY B 175 16.17 -6.36 -17.46
C GLY B 175 17.12 -7.53 -17.30
N VAL B 176 16.86 -8.35 -16.29
CA VAL B 176 17.66 -9.54 -16.05
C VAL B 176 16.91 -10.75 -16.57
N PRO B 177 17.61 -11.64 -17.29
CA PRO B 177 17.01 -12.86 -17.85
C PRO B 177 16.32 -13.72 -16.78
N ILE B 178 15.36 -14.53 -17.21
CA ILE B 178 14.59 -15.38 -16.30
C ILE B 178 15.46 -16.35 -15.51
N ASN B 179 16.34 -17.06 -16.23
CA ASN B 179 17.20 -18.07 -15.63
C ASN B 179 18.06 -17.58 -14.47
N GLU B 180 18.34 -16.28 -14.46
CA GLU B 180 19.11 -15.69 -13.37
C GLU B 180 18.19 -15.14 -12.29
N ILE B 181 16.91 -14.99 -12.62
CA ILE B 181 15.95 -14.39 -11.70
C ILE B 181 15.21 -15.44 -10.86
N GLU B 182 15.06 -16.64 -11.42
CA GLU B 182 14.37 -17.74 -10.72
C GLU B 182 15.00 -18.20 -9.40
N PRO B 183 16.37 -18.24 -9.32
CA PRO B 183 16.90 -18.64 -8.01
C PRO B 183 16.58 -17.65 -6.90
N LEU B 184 16.49 -16.37 -7.22
CA LEU B 184 16.15 -15.35 -6.23
C LEU B 184 14.67 -15.40 -5.87
N VAL B 185 13.83 -15.61 -6.89
CA VAL B 185 12.39 -15.70 -6.67
C VAL B 185 12.05 -16.94 -5.86
N LEU B 186 12.75 -18.04 -6.14
CA LEU B 186 12.53 -19.28 -5.39
C LEU B 186 12.86 -19.09 -3.92
N LEU B 187 13.95 -18.37 -3.65
CA LEU B 187 14.31 -18.01 -2.27
C LEU B 187 13.21 -17.18 -1.65
N ASN B 188 12.63 -16.28 -2.46
CA ASN B 188 11.53 -15.43 -2.01
C ASN B 188 10.29 -16.26 -1.72
N VAL B 189 9.98 -17.19 -2.62
CA VAL B 189 8.83 -18.07 -2.45
C VAL B 189 8.94 -18.88 -1.16
N VAL B 190 10.12 -19.42 -0.92
CA VAL B 190 10.37 -20.18 0.30
C VAL B 190 10.13 -19.32 1.53
N PHE B 191 10.68 -18.11 1.52
CA PHE B 191 10.50 -17.17 2.63
C PHE B 191 9.02 -16.89 2.88
N PHE B 192 8.25 -16.75 1.80
CA PHE B 192 6.83 -16.45 1.91
C PHE B 192 6.07 -17.63 2.51
N PHE B 193 6.42 -18.84 2.08
CA PHE B 193 5.81 -20.05 2.63
C PHE B 193 6.19 -20.20 4.11
N ILE B 194 7.44 -19.92 4.43
CA ILE B 194 7.92 -19.98 5.81
C ILE B 194 7.15 -19.00 6.69
N ALA B 195 7.10 -17.75 6.25
CA ALA B 195 6.42 -16.70 7.00
C ALA B 195 4.93 -16.95 7.16
N ALA B 196 4.32 -17.48 6.11
CA ALA B 196 2.87 -17.74 6.12
C ALA B 196 2.47 -18.69 7.24
N ILE B 197 3.36 -19.62 7.57
CA ILE B 197 3.07 -20.64 8.57
C ILE B 197 3.61 -20.26 9.95
N ASN B 198 4.68 -19.47 9.95
CA ASN B 198 5.29 -19.00 11.19
C ASN B 198 4.31 -18.20 12.04
N PRO B 199 4.06 -18.66 13.29
CA PRO B 199 3.13 -17.99 14.20
C PRO B 199 3.55 -16.57 14.57
N GLY B 200 4.84 -16.36 14.79
CA GLY B 200 5.35 -15.07 15.22
C GLY B 200 5.25 -14.89 16.71
N THR B 201 6.20 -14.18 17.30
CA THR B 201 6.21 -13.97 18.74
C THR B 201 5.49 -12.67 19.15
N GLY B 202 4.87 -12.69 20.32
CA GLY B 202 4.15 -11.53 20.82
C GLY B 202 2.66 -11.81 20.96
N LYS B 203 1.97 -10.95 21.71
CA LYS B 203 0.53 -11.11 21.90
C LYS B 203 -0.27 -9.94 21.35
N PHE B 204 -1.59 -10.14 21.22
CA PHE B 204 -2.49 -9.14 20.65
C PHE B 204 -3.38 -8.53 21.73
N ILE B 205 -3.33 -7.20 21.88
CA ILE B 205 -4.11 -6.53 22.92
C ILE B 205 -5.14 -5.60 22.31
N THR B 206 -6.41 -5.77 22.70
CA THR B 206 -7.46 -4.88 22.23
C THR B 206 -7.38 -3.53 22.95
N1 DCW C . -4.84 2.75 -13.26
O1 DCW C . -4.02 0.92 -14.36
C1 DCW C . -3.77 1.93 -13.73
C2 DCW C . -4.70 3.95 -12.50
N2 DCW C . -2.40 2.23 -13.48
C3 DCW C . -4.12 3.69 -11.13
C7 DCW C . -3.85 4.99 -13.20
C4 DCW C . -4.23 4.97 -10.32
C5 DCW C . -3.46 6.09 -10.99
C6 DCW C . -3.95 6.28 -12.42
C8 DCW C . -1.41 1.35 -13.99
C9 DCW C . -0.21 1.32 -13.06
C13 DCW C . -1.04 1.83 -15.38
C10 DCW C . 1.01 0.73 -13.71
C11 DCW C . 0.67 0.05 -15.01
C12 DCW C . 0.17 1.12 -15.97
C1 BNG D . 7.07 16.00 9.70
C2 BNG D . 6.47 16.25 11.08
C3 BNG D . 5.74 17.54 11.13
C4 BNG D . 6.52 18.65 10.72
C5 BNG D . 7.17 18.40 9.35
C6 BNG D . 8.12 19.48 9.04
C1' BNG D . 8.78 14.65 8.72
C2' BNG D . 8.77 13.27 8.01
C3' BNG D . 9.79 13.05 6.86
C4' BNG D . 9.33 13.31 5.40
C5' BNG D . 9.03 14.75 4.99
C6' BNG D . 9.10 15.10 3.51
C7' BNG D . 8.03 14.51 2.58
C8' BNG D . 8.48 13.97 1.21
C9' BNG D . 9.41 12.77 1.21
O1 BNG D . 7.83 14.85 9.71
O2 BNG D . 5.61 15.18 11.43
O3 BNG D . 5.23 17.77 12.48
O4 BNG D . 5.69 19.80 10.63
O5 BNG D . 7.85 17.08 9.27
O6 BNG D . 7.69 20.79 9.24
HG HG E . 5.54 18.52 49.18
HG HG F . 13.74 -4.47 -19.25
HG HG G . 1.45 4.09 22.42
HG HG H . 18.92 -1.22 -19.79
N1 DCW I . 7.17 -5.12 -11.08
O1 DCW I . 4.96 -5.30 -11.70
C1 DCW I . 6.02 -4.71 -11.81
C2 DCW I . 7.15 -6.23 -10.17
N2 DCW I . 6.14 -3.57 -12.67
C3 DCW I . 6.76 -7.52 -10.88
C7 DCW I . 6.26 -5.88 -8.99
C4 DCW I . 5.72 -8.30 -10.10
C5 DCW I . 6.20 -8.37 -8.66
C6 DCW I . 6.01 -7.02 -8.02
C8 DCW I . 5.07 -3.06 -13.46
C9 DCW I . 4.74 -4.06 -14.55
C13 DCW I . 3.86 -2.74 -12.61
C10 DCW I . 3.60 -3.56 -15.40
C11 DCW I . 2.38 -3.38 -14.51
C12 DCW I . 2.68 -2.33 -13.46
C1 BNG J . -15.61 -6.83 9.86
C2 BNG J . -14.63 -7.84 10.49
C3 BNG J . -14.80 -8.14 11.93
C4 BNG J . -15.26 -7.04 12.73
C5 BNG J . -16.48 -6.40 12.11
C6 BNG J . -16.97 -5.29 12.95
C1' BNG J . -15.59 -5.53 7.85
C2' BNG J . -14.74 -5.00 6.69
C3' BNG J . -15.36 -4.98 5.28
C4' BNG J . -15.09 -6.19 4.36
C5' BNG J . -15.60 -6.13 2.91
C6' BNG J . -15.82 -7.45 2.20
C7' BNG J . -16.09 -7.43 0.70
C8' BNG J . -14.88 -7.57 -0.25
C9' BNG J . -15.15 -7.82 -1.72
O1 BNG J . -14.93 -6.13 8.89
O2 BNG J . -14.69 -9.04 9.76
O3 BNG J . -13.54 -8.63 12.47
O4 BNG J . -15.58 -7.54 14.03
O5 BNG J . -16.20 -5.90 10.74
O6 BNG J . -16.54 -5.20 14.27
C1 BNG K . -13.05 -19.00 -15.79
C2 BNG K . -13.55 -19.89 -16.90
C3 BNG K . -13.85 -19.09 -18.15
C4 BNG K . -14.80 -18.00 -17.81
C5 BNG K . -14.17 -17.22 -16.68
C6 BNG K . -15.02 -16.01 -16.37
C1' BNG K . -12.65 -18.93 -13.53
C2' BNG K . -11.92 -19.76 -12.50
C3' BNG K . -11.44 -18.88 -11.36
C4' BNG K . -11.72 -19.56 -10.03
C5' BNG K . -10.53 -19.53 -9.09
C6' BNG K . -10.96 -19.07 -7.72
C7' BNG K . -9.80 -18.45 -6.99
C8' BNG K . -9.16 -19.56 -6.19
C9' BNG K . -10.12 -20.71 -6.21
O1 BNG K . -12.95 -19.76 -14.62
O2 BNG K . -12.51 -20.82 -17.20
O3 BNG K . -14.46 -19.90 -19.15
O4 BNG K . -14.82 -17.17 -18.93
O5 BNG K . -14.03 -18.04 -15.55
O6 BNG K . -14.12 -14.93 -16.22
C1 BNG L . -9.55 -14.69 10.51
C2 BNG L . -9.14 -14.85 11.97
C3 BNG L . -8.57 -16.20 12.19
C4 BNG L . -9.47 -17.25 11.86
C5 BNG L . -10.20 -17.07 10.53
C6 BNG L . -11.48 -17.79 10.59
C1' BNG L . -11.22 -13.32 9.50
C2' BNG L . -11.09 -12.46 8.23
C3' BNG L . -11.57 -13.07 6.90
C4' BNG L . -10.82 -12.68 5.61
C5' BNG L . -10.46 -13.78 4.61
C6' BNG L . -10.45 -13.40 3.14
C7' BNG L . -9.37 -14.01 2.24
C8' BNG L . -9.81 -14.94 1.12
C9' BNG L . -10.84 -14.44 0.13
O1 BNG L . -10.12 -13.45 10.32
O2 BNG L . -8.24 -13.85 12.35
O3 BNG L . -8.14 -16.32 13.57
O4 BNG L . -8.74 -18.47 11.82
O5 BNG L . -10.47 -15.66 10.11
O6 BNG L . -12.64 -17.02 10.69
HG HG M . -9.80 1.20 -22.22
HG HG N . -14.06 -2.23 -23.56
HG HG O . -7.02 -0.93 21.75
#